data_5AX6
#
_entry.id   5AX6
#
_cell.length_a   103.948
_cell.length_b   103.948
_cell.length_c   364.474
_cell.angle_alpha   90.000
_cell.angle_beta   90.000
_cell.angle_gamma   120.000
#
_symmetry.space_group_name_H-M   'H 3 2'
#
loop_
_entity.id
_entity.type
_entity.pdbx_description
1 polymer CofB
2 non-polymer 'ACETATE ION'
3 water water
#
_entity_poly.entity_id   1
_entity_poly.type   'polypeptide(L)'
_entity_poly.pdbx_seq_one_letter_code
;GPDEARRQIVSNALISEIAGIVDFVAEEQITVIEQGIEKEITNPLYEQSSGIPYINRTTNKDLNSTMSTNASEFINWGAG
TSTRIFFTRKYCISTGTQGNYEFSKDYIPCEEPAILSNSDLKIDRIDFVATDNTVGSAIERVDFILTFDKSNANESFYFS
NYVSSLEKAAEQHSISFKDIYVVERNSSGAAGWRLTTISGKPLTFSGLSKNIGSLDKTKNYGLRLSIDPNLGKFLRADGR
VGADKLCWNIDNKMSGPCLAADDSGNNLVLTKGKGAKSNEPGLCWDLNTGTSKLCLTQIEGKDNNDKDASLIKLKDDNGN
PATMLANILVEEKSMTDSTKKELRTIPNTIYAAFSNSNASDLVITNPGNYIGNVTSEKGRIELNVQDCPVSPDGNKLHPR
LSASIASIVADTKDSNGKYQADFSSLAGNRNSGGQLGYLSGTAIQVNQSGSKWYITATMGVFDPLTNTTYVYLNPKFLSV
NITTWCSTEPQT
;
_entity_poly.pdbx_strand_id   A
#
# COMPACT_ATOMS: atom_id res chain seq x y z
N ASP A 3 -5.63 22.71 33.00
CA ASP A 3 -5.77 21.35 32.48
C ASP A 3 -5.13 21.21 31.09
N GLU A 4 -4.11 20.36 31.01
CA GLU A 4 -3.40 20.11 29.75
C GLU A 4 -4.33 19.60 28.67
N ALA A 5 -5.16 18.63 29.03
CA ALA A 5 -6.09 18.02 28.08
C ALA A 5 -6.96 19.07 27.40
N ARG A 6 -7.48 20.00 28.20
CA ARG A 6 -8.29 21.09 27.67
C ARG A 6 -7.48 21.99 26.73
N ARG A 7 -6.30 22.39 27.19
CA ARG A 7 -5.42 23.24 26.39
C ARG A 7 -4.99 22.54 25.12
N GLN A 8 -4.82 21.23 25.17
CA GLN A 8 -4.40 20.51 23.97
C GLN A 8 -5.50 20.53 22.92
N ILE A 9 -6.75 20.47 23.35
CA ILE A 9 -7.86 20.45 22.41
C ILE A 9 -8.00 21.80 21.72
N VAL A 10 -7.88 22.88 22.50
CA VAL A 10 -7.85 24.23 21.95
C VAL A 10 -6.69 24.37 20.96
N SER A 11 -5.51 23.93 21.37
CA SER A 11 -4.31 24.05 20.54
C SER A 11 -4.44 23.26 19.24
N ASN A 12 -5.03 22.06 19.30
CA ASN A 12 -5.24 21.29 18.08
C ASN A 12 -6.15 22.03 17.10
N ALA A 13 -7.18 22.68 17.62
CA ALA A 13 -8.11 23.41 16.75
C ALA A 13 -7.45 24.67 16.18
N LEU A 14 -6.69 25.37 17.02
CA LEU A 14 -5.94 26.54 16.56
C LEU A 14 -4.96 26.17 15.44
N ILE A 15 -4.19 25.11 15.65
CA ILE A 15 -3.24 24.66 14.64
C ILE A 15 -3.94 24.22 13.35
N SER A 16 -5.12 23.62 13.46
CA SER A 16 -5.84 23.22 12.26
CA SER A 16 -5.87 23.21 12.27
C SER A 16 -6.23 24.42 11.42
N GLU A 17 -6.70 25.47 12.09
CA GLU A 17 -7.06 26.72 11.43
C GLU A 17 -5.83 27.30 10.76
N ILE A 18 -4.76 27.41 11.52
CA ILE A 18 -3.49 27.97 11.04
C ILE A 18 -2.96 27.20 9.83
N ALA A 19 -2.91 25.88 9.92
CA ALA A 19 -2.38 25.07 8.82
C ALA A 19 -3.20 25.24 7.55
N GLY A 20 -4.51 25.33 7.71
CA GLY A 20 -5.40 25.49 6.57
C GLY A 20 -5.23 26.83 5.87
N ILE A 21 -5.11 27.90 6.65
CA ILE A 21 -4.91 29.21 6.07
C ILE A 21 -3.56 29.23 5.35
N VAL A 22 -2.55 28.66 5.97
CA VAL A 22 -1.22 28.61 5.34
C VAL A 22 -1.23 27.78 4.06
N ASP A 23 -2.00 26.69 4.06
CA ASP A 23 -2.13 25.85 2.86
C ASP A 23 -2.70 26.66 1.71
N PHE A 24 -3.68 27.51 2.02
CA PHE A 24 -4.32 28.35 1.02
C PHE A 24 -3.33 29.38 0.45
N VAL A 25 -2.62 30.04 1.35
CA VAL A 25 -1.60 31.01 0.95
C VAL A 25 -0.56 30.33 0.04
N ALA A 26 -0.23 29.08 0.35
CA ALA A 26 0.82 28.36 -0.39
C ALA A 26 0.38 27.82 -1.75
N GLU A 27 -0.87 28.08 -2.14
CA GLU A 27 -1.31 27.67 -3.48
C GLU A 27 -1.57 28.89 -4.34
N GLU A 28 -0.64 29.22 -5.24
CA GLU A 28 -0.87 30.34 -6.13
C GLU A 28 -1.91 30.01 -7.19
N GLN A 29 -1.91 28.75 -7.63
CA GLN A 29 -2.94 28.22 -8.51
C GLN A 29 -3.84 27.31 -7.68
N ILE A 30 -5.15 27.52 -7.75
CA ILE A 30 -6.06 26.70 -6.94
C ILE A 30 -7.12 26.04 -7.80
N THR A 31 -7.68 24.94 -7.29
CA THR A 31 -8.76 24.24 -7.97
C THR A 31 -10.11 24.70 -7.40
N VAL A 32 -10.96 25.22 -8.27
CA VAL A 32 -12.32 25.61 -7.88
C VAL A 32 -13.33 24.88 -8.75
N ILE A 33 -14.60 24.94 -8.34
CA ILE A 33 -15.68 24.39 -9.15
C ILE A 33 -16.42 25.53 -9.81
N GLU A 34 -16.52 25.48 -11.14
CA GLU A 34 -17.30 26.46 -11.90
C GLU A 34 -18.10 25.68 -12.96
N GLN A 35 -19.39 25.99 -13.08
CA GLN A 35 -20.26 25.27 -14.01
C GLN A 35 -20.20 23.76 -13.77
N GLY A 36 -20.08 23.38 -12.50
CA GLY A 36 -20.08 21.98 -12.12
C GLY A 36 -18.79 21.20 -12.32
N ILE A 37 -17.75 21.82 -12.87
CA ILE A 37 -16.50 21.09 -13.10
C ILE A 37 -15.27 21.79 -12.50
N GLU A 38 -14.25 21.00 -12.20
CA GLU A 38 -13.01 21.52 -11.63
C GLU A 38 -12.24 22.35 -12.65
N LYS A 39 -11.74 23.48 -12.19
CA LYS A 39 -11.01 24.41 -13.04
C LYS A 39 -9.87 24.99 -12.21
N GLU A 40 -8.72 25.21 -12.86
CA GLU A 40 -7.60 25.87 -12.18
C GLU A 40 -7.70 27.35 -12.40
N ILE A 41 -7.61 28.11 -11.31
CA ILE A 41 -7.53 29.55 -11.42
C ILE A 41 -6.41 30.10 -10.53
N THR A 42 -6.02 31.33 -10.80
CA THR A 42 -5.12 32.03 -9.91
C THR A 42 -5.84 32.26 -8.58
N ASN A 43 -5.17 31.93 -7.48
CA ASN A 43 -5.65 32.27 -6.15
C ASN A 43 -6.00 33.76 -6.07
N PRO A 44 -7.20 34.11 -5.58
CA PRO A 44 -7.56 35.53 -5.49
C PRO A 44 -6.57 36.35 -4.67
N LEU A 45 -5.81 35.71 -3.78
CA LEU A 45 -4.74 36.40 -3.07
C LEU A 45 -3.80 37.10 -4.05
N TYR A 46 -3.60 36.51 -5.22
CA TYR A 46 -2.52 36.95 -6.08
C TYR A 46 -2.98 37.59 -7.40
N GLU A 47 -4.23 38.04 -7.40
CA GLU A 47 -4.80 38.79 -8.51
C GLU A 47 -4.78 40.28 -8.23
N GLN A 48 -4.24 41.06 -9.15
CA GLN A 48 -4.18 42.52 -8.96
C GLN A 48 -5.55 43.15 -8.81
N SER A 49 -6.58 42.48 -9.29
CA SER A 49 -7.91 43.08 -9.33
C SER A 49 -8.78 42.62 -8.18
N SER A 50 -8.23 41.78 -7.30
CA SER A 50 -9.02 41.30 -6.17
C SER A 50 -9.30 42.44 -5.19
N GLY A 51 -10.27 42.22 -4.32
CA GLY A 51 -10.57 43.17 -3.27
C GLY A 51 -10.27 42.61 -1.89
N ILE A 52 -10.69 43.35 -0.88
CA ILE A 52 -10.58 42.93 0.51
C ILE A 52 -11.30 41.60 0.75
N PRO A 53 -10.71 40.68 1.54
CA PRO A 53 -9.45 40.72 2.28
C PRO A 53 -8.26 40.10 1.52
N TYR A 54 -8.49 39.68 0.28
CA TYR A 54 -7.47 38.94 -0.44
C TYR A 54 -6.24 39.77 -0.73
N ILE A 55 -6.44 41.06 -0.98
CA ILE A 55 -5.30 41.91 -1.33
C ILE A 55 -4.63 42.54 -0.11
N ASN A 56 -5.13 42.25 1.08
CA ASN A 56 -4.54 42.81 2.30
C ASN A 56 -3.11 42.29 2.51
N ARG A 57 -2.17 43.21 2.73
CA ARG A 57 -0.78 42.85 3.09
C ARG A 57 -0.23 43.76 4.16
N THR A 58 0.60 43.19 5.03
CA THR A 58 1.43 44.01 5.88
C THR A 58 2.85 44.01 5.29
N THR A 59 3.72 44.90 5.77
CA THR A 59 5.04 45.01 5.14
C THR A 59 6.18 44.82 6.13
N ASN A 60 5.87 44.30 7.31
CA ASN A 60 6.90 44.07 8.32
C ASN A 60 7.67 42.76 8.08
N LYS A 61 8.56 42.78 7.08
CA LYS A 61 9.34 41.59 6.74
C LYS A 61 10.29 41.18 7.86
N ASP A 62 10.83 42.18 8.55
CA ASP A 62 11.66 41.95 9.73
C ASP A 62 10.75 41.62 10.92
N LEU A 63 10.99 40.48 11.56
CA LEU A 63 10.17 40.07 12.72
C LEU A 63 10.13 41.13 13.82
N ASN A 64 11.13 42.01 13.83
CA ASN A 64 11.25 42.97 14.91
C ASN A 64 10.70 44.35 14.54
N SER A 65 10.23 44.50 13.31
CA SER A 65 9.72 45.79 12.85
C SER A 65 8.29 46.00 13.33
N THR A 66 7.84 47.26 13.26
CA THR A 66 6.51 47.63 13.70
C THR A 66 5.40 46.87 12.97
N MET A 67 4.47 46.32 13.72
CA MET A 67 3.29 45.66 13.16
C MET A 67 2.33 46.69 12.60
N SER A 68 1.62 46.33 11.54
CA SER A 68 0.65 47.24 10.94
C SER A 68 -0.45 47.69 11.92
N THR A 69 -0.95 48.91 11.74
CA THR A 69 -2.06 49.41 12.53
C THR A 69 -3.27 49.68 11.65
N ASN A 70 -3.17 49.25 10.39
CA ASN A 70 -4.10 49.63 9.35
C ASN A 70 -5.00 48.43 8.97
N ALA A 71 -6.32 48.57 9.12
CA ALA A 71 -7.22 47.43 8.96
C ALA A 71 -7.36 46.98 7.51
N SER A 72 -6.82 47.78 6.60
CA SER A 72 -6.77 47.41 5.19
C SER A 72 -5.46 46.68 4.89
N GLU A 73 -4.62 46.55 5.90
CA GLU A 73 -3.35 45.82 5.75
C GLU A 73 -3.40 44.49 6.48
N PHE A 74 -3.68 44.52 7.79
CA PHE A 74 -3.91 43.26 8.48
C PHE A 74 -5.31 42.77 8.18
N ILE A 75 -5.59 41.54 8.59
CA ILE A 75 -6.89 40.94 8.38
C ILE A 75 -7.54 40.65 9.74
N ASN A 76 -8.64 41.31 10.02
CA ASN A 76 -9.32 41.07 11.30
C ASN A 76 -9.96 39.69 11.25
N TRP A 77 -9.92 38.96 12.35
CA TRP A 77 -10.41 37.58 12.37
C TRP A 77 -11.35 37.33 13.55
N GLY A 78 -12.22 36.33 13.42
CA GLY A 78 -13.06 35.89 14.52
C GLY A 78 -14.40 36.58 14.62
N ALA A 79 -14.99 36.55 15.82
CA ALA A 79 -16.31 37.11 16.08
C ALA A 79 -16.42 38.57 15.65
N GLY A 80 -17.52 38.91 14.99
CA GLY A 80 -17.76 40.28 14.57
C GLY A 80 -17.24 40.61 13.19
N THR A 81 -16.46 39.69 12.62
CA THR A 81 -15.92 39.89 11.27
C THR A 81 -16.59 38.92 10.31
N SER A 82 -16.50 39.23 9.01
CA SER A 82 -17.10 38.38 7.99
C SER A 82 -16.01 37.61 7.26
N THR A 83 -14.78 37.81 7.72
CA THR A 83 -13.60 37.35 7.01
C THR A 83 -13.60 35.87 6.67
N ARG A 84 -14.21 35.04 7.53
CA ARG A 84 -14.16 33.60 7.28
C ARG A 84 -14.79 33.21 5.95
N ILE A 85 -15.79 33.95 5.50
CA ILE A 85 -16.49 33.57 4.26
C ILE A 85 -15.57 33.60 3.05
N PHE A 86 -14.52 34.43 3.07
CA PHE A 86 -13.63 34.52 1.91
C PHE A 86 -12.59 33.39 1.86
N PHE A 87 -12.46 32.65 2.95
CA PHE A 87 -11.51 31.54 3.00
C PHE A 87 -12.22 30.21 3.14
N THR A 88 -13.53 30.21 2.92
CA THR A 88 -14.29 28.96 2.94
C THR A 88 -15.17 28.87 1.69
N ARG A 89 -15.66 27.67 1.38
CA ARG A 89 -16.41 27.49 0.14
C ARG A 89 -17.65 28.36 0.05
N LYS A 90 -17.91 28.87 -1.14
CA LYS A 90 -19.14 29.60 -1.40
C LYS A 90 -20.38 28.77 -0.98
N TYR A 91 -20.35 27.47 -1.26
CA TYR A 91 -21.51 26.64 -0.98
C TYR A 91 -21.38 25.89 0.33
N CYS A 92 -20.70 26.52 1.29
CA CYS A 92 -20.81 26.13 2.69
C CYS A 92 -22.28 26.12 3.12
N ILE A 93 -23.09 26.96 2.47
CA ILE A 93 -24.55 26.84 2.59
C ILE A 93 -25.12 26.61 1.19
N SER A 94 -26.31 26.01 1.12
CA SER A 94 -26.86 25.55 -0.14
C SER A 94 -27.07 26.69 -1.13
N THR A 95 -27.55 27.83 -0.64
CA THR A 95 -27.87 28.94 -1.50
C THR A 95 -26.64 29.75 -1.88
N GLY A 96 -25.51 29.49 -1.23
CA GLY A 96 -24.28 30.19 -1.50
C GLY A 96 -24.07 31.41 -0.62
N THR A 97 -22.87 31.58 -0.10
CA THR A 97 -22.50 32.79 0.64
C THR A 97 -22.13 33.90 -0.31
N GLN A 98 -21.72 35.04 0.25
CA GLN A 98 -21.18 36.14 -0.55
C GLN A 98 -19.76 35.87 -1.05
N GLY A 99 -19.14 34.80 -0.56
CA GLY A 99 -17.85 34.39 -1.09
C GLY A 99 -18.01 34.03 -2.56
N ASN A 100 -16.97 34.23 -3.34
CA ASN A 100 -17.07 34.06 -4.80
C ASN A 100 -16.45 32.77 -5.31
N TYR A 101 -15.88 31.96 -4.42
CA TYR A 101 -15.13 30.79 -4.82
C TYR A 101 -15.61 29.50 -4.20
N GLU A 102 -15.95 28.55 -5.05
CA GLU A 102 -16.21 27.21 -4.59
C GLU A 102 -14.93 26.40 -4.65
N PHE A 103 -14.10 26.52 -3.61
CA PHE A 103 -12.90 25.70 -3.51
C PHE A 103 -13.23 24.21 -3.62
N SER A 104 -12.39 23.43 -4.30
CA SER A 104 -12.69 22.01 -4.51
C SER A 104 -12.52 21.22 -3.22
N LYS A 105 -11.76 21.77 -2.30
CA LYS A 105 -11.52 21.16 -0.99
C LYS A 105 -11.69 22.22 0.09
N ASP A 106 -11.95 21.83 1.33
CA ASP A 106 -11.97 22.80 2.42
C ASP A 106 -10.58 23.02 3.00
N TYR A 107 -10.10 24.25 2.96
CA TYR A 107 -8.85 24.57 3.64
C TYR A 107 -9.08 24.59 5.14
N ILE A 108 -10.17 25.26 5.53
CA ILE A 108 -10.64 25.24 6.90
C ILE A 108 -12.13 24.93 6.86
N PRO A 109 -12.68 24.45 7.98
CA PRO A 109 -14.11 24.08 8.00
C PRO A 109 -15.03 25.28 7.77
N CYS A 110 -16.18 25.04 7.15
CA CYS A 110 -17.19 26.07 7.00
C CYS A 110 -17.50 26.75 8.32
N GLU A 111 -17.71 25.92 9.32
CA GLU A 111 -18.03 26.41 10.65
C GLU A 111 -16.76 26.44 11.47
N GLU A 112 -16.46 27.58 12.10
CA GLU A 112 -15.32 27.63 13.00
C GLU A 112 -15.47 26.57 14.06
N PRO A 113 -14.39 25.84 14.36
CA PRO A 113 -14.36 24.83 15.44
C PRO A 113 -15.02 25.35 16.72
N ALA A 114 -16.00 24.59 17.20
CA ALA A 114 -16.83 24.99 18.33
C ALA A 114 -16.03 25.42 19.55
N ILE A 115 -14.95 24.69 19.83
CA ILE A 115 -14.16 24.95 21.03
C ILE A 115 -13.59 26.38 21.01
N LEU A 116 -13.40 26.93 19.82
CA LEU A 116 -12.78 28.25 19.68
C LEU A 116 -13.77 29.40 19.83
N SER A 117 -15.05 29.09 20.06
CA SER A 117 -16.05 30.15 20.17
C SER A 117 -15.86 30.94 21.46
N ASN A 118 -15.44 30.28 22.53
CA ASN A 118 -15.17 31.00 23.78
C ASN A 118 -13.97 30.46 24.56
N SER A 119 -12.96 29.98 23.85
CA SER A 119 -11.75 29.49 24.51
C SER A 119 -10.91 30.66 25.00
N ASP A 120 -10.01 30.37 25.94
CA ASP A 120 -9.15 31.39 26.51
C ASP A 120 -8.18 31.98 25.48
N LEU A 121 -7.93 31.21 24.43
CA LEU A 121 -7.00 31.60 23.38
C LEU A 121 -7.69 31.50 22.03
N LYS A 122 -7.67 32.61 21.27
CA LYS A 122 -8.35 32.69 19.98
C LYS A 122 -7.49 33.44 18.96
N ILE A 123 -7.68 33.15 17.68
CA ILE A 123 -7.05 33.97 16.66
C ILE A 123 -7.78 35.29 16.50
N ASP A 124 -7.07 36.40 16.72
CA ASP A 124 -7.70 37.72 16.70
C ASP A 124 -7.46 38.45 15.38
N ARG A 125 -6.41 38.06 14.68
CA ARG A 125 -5.93 38.83 13.55
C ARG A 125 -4.88 38.05 12.81
N ILE A 126 -4.83 38.25 11.50
CA ILE A 126 -3.87 37.59 10.63
C ILE A 126 -3.17 38.62 9.78
N ASP A 127 -1.84 38.51 9.69
CA ASP A 127 -1.04 39.41 8.88
C ASP A 127 -0.37 38.63 7.75
N PHE A 128 -0.70 38.96 6.51
CA PHE A 128 -0.03 38.39 5.33
C PHE A 128 1.13 39.30 4.96
N VAL A 129 2.35 38.90 5.33
CA VAL A 129 3.52 39.75 5.12
C VAL A 129 4.00 39.69 3.67
N ALA A 130 3.93 40.82 2.96
CA ALA A 130 4.24 40.84 1.52
C ALA A 130 5.72 40.87 1.27
N THR A 131 6.15 40.17 0.22
CA THR A 131 7.54 40.16 -0.19
C THR A 131 7.90 41.47 -0.91
N ASP A 132 6.92 42.14 -1.50
CA ASP A 132 7.18 43.46 -2.10
C ASP A 132 5.94 44.35 -2.00
N ASN A 133 5.98 45.52 -2.64
CA ASN A 133 4.92 46.50 -2.44
C ASN A 133 3.85 46.51 -3.54
N THR A 134 3.79 45.44 -4.32
CA THR A 134 2.80 45.36 -5.38
C THR A 134 1.47 44.78 -4.90
N VAL A 135 0.38 45.12 -5.58
CA VAL A 135 -0.93 44.56 -5.26
C VAL A 135 -0.93 43.09 -5.64
N GLY A 136 -1.42 42.24 -4.73
CA GLY A 136 -1.39 40.81 -4.96
C GLY A 136 -0.01 40.20 -4.82
N SER A 137 0.88 40.91 -4.14
CA SER A 137 2.24 40.44 -3.89
C SER A 137 2.29 39.05 -3.28
N ALA A 138 3.36 38.32 -3.55
CA ALA A 138 3.60 37.04 -2.89
C ALA A 138 3.72 37.27 -1.38
N ILE A 139 3.42 36.22 -0.61
CA ILE A 139 3.41 36.32 0.83
C ILE A 139 4.55 35.49 1.40
N GLU A 140 5.45 36.13 2.14
CA GLU A 140 6.63 35.41 2.61
C GLU A 140 6.53 34.98 4.04
N ARG A 141 5.51 35.47 4.73
CA ARG A 141 5.29 35.06 6.12
C ARG A 141 3.83 35.26 6.48
N VAL A 142 3.28 34.35 7.27
CA VAL A 142 1.92 34.54 7.78
C VAL A 142 1.96 34.61 9.30
N ASP A 143 1.53 35.74 9.85
CA ASP A 143 1.50 35.93 11.29
C ASP A 143 0.10 35.78 11.83
N PHE A 144 -0.05 35.05 12.93
CA PHE A 144 -1.33 34.89 13.62
C PHE A 144 -1.21 35.49 15.01
N ILE A 145 -2.05 36.48 15.31
CA ILE A 145 -2.06 37.09 16.62
C ILE A 145 -3.15 36.41 17.43
N LEU A 146 -2.73 35.75 18.51
CA LEU A 146 -3.66 35.02 19.37
C LEU A 146 -3.91 35.83 20.63
N THR A 147 -5.18 36.11 20.91
CA THR A 147 -5.52 36.88 22.10
C THR A 147 -5.78 35.96 23.29
N PHE A 148 -5.23 36.35 24.44
CA PHE A 148 -5.46 35.69 25.72
C PHE A 148 -6.65 36.33 26.42
N ASP A 149 -7.65 35.54 26.76
CA ASP A 149 -8.72 36.04 27.61
C ASP A 149 -8.41 35.67 29.06
N LYS A 150 -7.74 36.57 29.77
CA LYS A 150 -7.29 36.30 31.13
C LYS A 150 -8.45 36.00 32.07
N SER A 160 2.45 30.39 28.25
CA SER A 160 3.61 29.51 28.29
C SER A 160 3.20 28.03 28.33
N ASN A 161 2.13 27.76 29.07
CA ASN A 161 1.56 26.42 29.09
C ASN A 161 1.03 26.10 27.71
N TYR A 162 0.48 27.13 27.06
CA TYR A 162 -0.11 26.97 25.74
C TYR A 162 0.93 26.81 24.65
N VAL A 163 2.10 27.42 24.81
CA VAL A 163 3.14 27.30 23.81
C VAL A 163 3.56 25.85 23.64
N SER A 164 3.66 25.13 24.75
CA SER A 164 4.03 23.72 24.69
C SER A 164 2.97 22.90 23.97
N SER A 165 1.69 23.17 24.25
CA SER A 165 0.64 22.42 23.56
C SER A 165 0.50 22.87 22.11
N LEU A 166 0.75 24.16 21.82
CA LEU A 166 0.74 24.63 20.44
C LEU A 166 1.86 23.96 19.64
N GLU A 167 3.03 23.84 20.24
CA GLU A 167 4.17 23.24 19.54
C GLU A 167 3.92 21.76 19.30
N LYS A 168 3.30 21.10 20.27
CA LYS A 168 2.91 19.71 20.13
C LYS A 168 1.90 19.53 18.99
N ALA A 169 0.90 20.41 18.93
CA ALA A 169 -0.09 20.32 17.88
C ALA A 169 0.56 20.61 16.51
N ALA A 170 1.50 21.53 16.49
CA ALA A 170 2.19 21.88 15.25
C ALA A 170 2.98 20.69 14.72
N GLU A 171 3.66 19.97 15.61
CA GLU A 171 4.49 18.88 15.13
C GLU A 171 3.64 17.74 14.61
N GLN A 172 2.39 17.66 15.08
CA GLN A 172 1.47 16.63 14.61
C GLN A 172 0.86 16.98 13.26
N HIS A 173 1.19 18.17 12.75
CA HIS A 173 0.54 18.69 11.56
C HIS A 173 1.55 19.12 10.48
N SER A 174 2.80 18.73 10.67
CA SER A 174 3.86 19.03 9.68
C SER A 174 4.07 20.52 9.49
N ILE A 175 3.91 21.29 10.54
CA ILE A 175 4.25 22.70 10.45
C ILE A 175 5.05 23.10 11.67
N SER A 176 5.69 24.25 11.58
CA SER A 176 6.50 24.71 12.69
C SER A 176 6.45 26.23 12.73
N PHE A 177 6.81 26.80 13.86
CA PHE A 177 6.79 28.24 13.98
C PHE A 177 8.15 28.84 13.71
N LYS A 178 8.19 29.82 12.81
CA LYS A 178 9.41 30.56 12.53
C LYS A 178 9.87 31.25 13.81
N ASP A 179 8.91 31.85 14.50
CA ASP A 179 9.15 32.34 15.85
C ASP A 179 7.82 32.66 16.53
N ILE A 180 7.94 33.01 17.81
CA ILE A 180 6.80 33.32 18.64
C ILE A 180 7.14 34.56 19.43
N TYR A 181 6.32 35.60 19.29
CA TYR A 181 6.55 36.86 19.98
C TYR A 181 5.43 37.13 20.96
N VAL A 182 5.76 37.82 22.05
CA VAL A 182 4.75 38.33 22.95
C VAL A 182 4.25 39.67 22.41
N VAL A 183 2.93 39.84 22.35
CA VAL A 183 2.37 41.10 21.91
C VAL A 183 1.42 41.65 22.96
N GLU A 184 1.13 42.93 22.88
CA GLU A 184 0.29 43.59 23.87
C GLU A 184 -0.55 44.67 23.24
N ARG A 185 -1.65 44.99 23.90
CA ARG A 185 -2.42 46.16 23.53
C ARG A 185 -2.99 46.78 24.79
N ASN A 186 -3.29 48.07 24.71
CA ASN A 186 -3.75 48.81 25.87
C ASN A 186 -5.24 48.57 26.10
N SER A 187 -5.95 48.25 25.04
CA SER A 187 -7.38 48.02 25.11
C SER A 187 -7.76 46.73 24.38
N SER A 188 -8.80 46.79 23.55
CA SER A 188 -9.35 45.57 22.95
C SER A 188 -9.45 45.59 21.42
N GLY A 189 -8.77 46.53 20.77
CA GLY A 189 -8.87 46.68 19.32
C GLY A 189 -7.82 45.90 18.55
N ALA A 190 -8.20 45.33 17.40
CA ALA A 190 -7.25 44.55 16.59
C ALA A 190 -6.11 45.42 16.09
N ALA A 191 -6.37 46.71 15.92
CA ALA A 191 -5.32 47.64 15.48
C ALA A 191 -4.39 48.06 16.61
N GLY A 192 -4.72 47.68 17.85
CA GLY A 192 -3.94 48.11 18.99
C GLY A 192 -2.71 47.26 19.30
N TRP A 193 -2.63 46.06 18.72
CA TRP A 193 -1.53 45.15 18.99
C TRP A 193 -0.16 45.74 18.64
N ARG A 194 0.83 45.49 19.50
CA ARG A 194 2.21 45.86 19.20
C ARG A 194 3.14 44.87 19.89
N LEU A 195 4.38 44.79 19.41
CA LEU A 195 5.36 43.91 20.03
C LEU A 195 5.63 44.36 21.47
N THR A 196 5.59 43.43 22.40
CA THR A 196 6.05 43.70 23.75
C THR A 196 7.56 43.88 23.70
N THR A 197 8.08 44.86 24.43
CA THR A 197 9.54 45.10 24.41
C THR A 197 10.14 45.13 25.82
N ILE A 198 11.41 44.75 25.88
CA ILE A 198 12.23 44.83 27.08
C ILE A 198 13.42 45.71 26.75
N SER A 199 13.46 46.92 27.31
CA SER A 199 14.49 47.88 26.95
C SER A 199 14.54 48.09 25.44
N GLY A 200 13.36 48.22 24.84
CA GLY A 200 13.25 48.52 23.42
C GLY A 200 13.48 47.32 22.52
N LYS A 201 13.70 46.17 23.13
CA LYS A 201 13.96 44.95 22.36
C LYS A 201 12.73 44.05 22.35
N PRO A 202 12.15 43.82 21.16
CA PRO A 202 10.95 42.98 21.08
C PRO A 202 11.16 41.64 21.77
N LEU A 203 10.14 41.20 22.51
CA LEU A 203 10.24 40.04 23.37
C LEU A 203 9.75 38.76 22.68
N THR A 204 10.68 37.83 22.45
CA THR A 204 10.33 36.54 21.88
C THR A 204 9.98 35.62 23.02
N PHE A 205 9.25 34.54 22.72
CA PHE A 205 8.86 33.63 23.79
C PHE A 205 10.08 33.05 24.51
N SER A 206 11.18 32.86 23.78
CA SER A 206 12.38 32.27 24.38
C SER A 206 12.94 33.19 25.48
N GLY A 207 12.77 34.50 25.31
CA GLY A 207 13.22 35.44 26.32
C GLY A 207 12.21 35.70 27.42
N LEU A 208 11.07 35.02 27.36
CA LEU A 208 9.96 35.37 28.25
C LEU A 208 10.17 34.98 29.71
N SER A 209 10.78 33.82 29.95
CA SER A 209 10.97 33.35 31.32
C SER A 209 11.78 34.36 32.13
N LYS A 210 12.87 34.84 31.54
CA LYS A 210 13.77 35.80 32.18
C LYS A 210 13.08 37.12 32.54
N ASN A 211 12.21 37.60 31.66
CA ASN A 211 11.69 38.96 31.77
C ASN A 211 10.26 39.09 32.27
N ILE A 212 9.67 37.99 32.72
CA ILE A 212 8.29 37.99 33.16
C ILE A 212 8.03 39.01 34.28
N GLY A 213 9.07 39.34 35.03
CA GLY A 213 8.95 40.24 36.17
C GLY A 213 8.62 41.69 35.83
N SER A 214 9.17 42.18 34.73
CA SER A 214 8.97 43.57 34.33
C SER A 214 7.73 43.77 33.48
N LEU A 215 6.95 42.70 33.28
CA LEU A 215 5.77 42.77 32.44
C LEU A 215 4.59 43.49 33.10
N ASP A 216 4.34 44.70 32.62
CA ASP A 216 3.22 45.54 33.06
C ASP A 216 1.89 44.77 33.06
N LYS A 217 1.33 44.56 34.25
CA LYS A 217 0.11 43.78 34.38
C LYS A 217 -1.15 44.52 33.91
N THR A 218 -1.02 45.81 33.59
CA THR A 218 -2.17 46.57 33.09
C THR A 218 -2.52 46.22 31.64
N LYS A 219 -1.56 45.67 30.90
CA LYS A 219 -1.77 45.40 29.48
C LYS A 219 -2.61 44.15 29.26
N ASN A 220 -3.20 44.04 28.06
CA ASN A 220 -3.72 42.76 27.58
C ASN A 220 -2.68 42.14 26.66
N TYR A 221 -2.37 40.86 26.90
CA TYR A 221 -1.29 40.20 26.19
C TYR A 221 -1.79 39.16 25.20
N GLY A 222 -0.93 38.80 24.26
CA GLY A 222 -1.23 37.78 23.29
C GLY A 222 0.07 37.21 22.76
N LEU A 223 -0.04 36.25 21.85
CA LEU A 223 1.13 35.68 21.20
C LEU A 223 1.00 35.85 19.70
N ARG A 224 2.09 36.22 19.05
CA ARG A 224 2.11 36.22 17.60
C ARG A 224 2.85 34.98 17.12
N LEU A 225 2.17 34.11 16.40
CA LEU A 225 2.80 32.92 15.85
C LEU A 225 3.09 33.16 14.38
N SER A 226 4.36 33.01 13.98
CA SER A 226 4.77 33.25 12.60
C SER A 226 5.00 31.94 11.87
N ILE A 227 4.41 31.80 10.70
CA ILE A 227 4.61 30.61 9.86
C ILE A 227 5.21 30.99 8.52
N ASP A 228 6.23 30.26 8.10
CA ASP A 228 6.80 30.41 6.76
C ASP A 228 6.02 29.52 5.81
N PRO A 229 5.18 30.11 4.92
CA PRO A 229 4.35 29.22 4.08
C PRO A 229 5.17 28.41 3.08
N ASN A 230 6.43 28.79 2.85
CA ASN A 230 7.25 28.01 1.91
C ASN A 230 8.03 26.88 2.55
N LEU A 231 8.08 26.84 3.88
CA LEU A 231 8.83 25.81 4.56
C LEU A 231 8.10 24.47 4.44
N GLY A 232 8.76 23.47 3.86
CA GLY A 232 8.15 22.17 3.67
C GLY A 232 7.11 22.13 2.56
N LYS A 233 7.04 23.18 1.77
CA LYS A 233 6.09 23.27 0.66
C LYS A 233 6.41 22.33 -0.51
N PHE A 234 7.70 22.13 -0.76
CA PHE A 234 8.16 21.33 -1.88
C PHE A 234 8.85 20.04 -1.46
N LEU A 235 8.75 19.01 -2.30
CA LEU A 235 9.49 17.78 -2.04
C LEU A 235 10.98 18.05 -2.17
N ARG A 236 11.76 17.37 -1.34
CA ARG A 236 13.19 17.64 -1.22
C ARG A 236 14.07 16.55 -1.78
N ALA A 237 15.21 16.93 -2.35
CA ALA A 237 16.19 15.94 -2.81
C ALA A 237 16.59 14.99 -1.68
N ASP A 238 16.61 15.47 -0.44
CA ASP A 238 17.04 14.60 0.65
C ASP A 238 15.90 13.82 1.30
N GLY A 239 14.68 13.99 0.78
CA GLY A 239 13.56 13.16 1.20
C GLY A 239 12.94 13.56 2.52
N ARG A 240 13.29 14.73 3.04
CA ARG A 240 12.79 15.11 4.37
C ARG A 240 11.38 15.74 4.39
N VAL A 241 10.74 15.86 3.23
CA VAL A 241 9.35 16.34 3.19
C VAL A 241 8.42 15.26 2.60
N GLY A 242 7.36 14.92 3.32
CA GLY A 242 6.41 13.90 2.86
C GLY A 242 5.51 14.37 1.73
N ALA A 243 5.10 13.43 0.87
CA ALA A 243 4.15 13.73 -0.18
C ALA A 243 2.72 13.27 0.19
N ASP A 244 1.75 14.16 0.02
CA ASP A 244 0.35 13.75 0.12
C ASP A 244 0.03 12.76 -0.98
N LYS A 245 0.56 13.04 -2.17
N LYS A 245 0.59 13.02 -2.16
CA LYS A 245 0.42 12.16 -3.32
CA LYS A 245 0.44 12.14 -3.31
C LYS A 245 1.48 12.55 -4.32
C LYS A 245 1.44 12.57 -4.35
N LEU A 246 1.69 11.72 -5.34
CA LEU A 246 2.53 12.12 -6.46
C LEU A 246 1.92 11.56 -7.73
N CYS A 247 1.66 12.44 -8.68
CA CYS A 247 1.09 12.06 -9.99
C CYS A 247 2.08 12.37 -11.10
N TRP A 248 2.01 11.60 -12.18
CA TRP A 248 2.97 11.73 -13.28
C TRP A 248 2.34 12.44 -14.47
N ASN A 249 3.16 13.08 -15.30
CA ASN A 249 2.66 13.81 -16.47
C ASN A 249 2.65 12.97 -17.73
N ILE A 250 1.76 13.33 -18.64
CA ILE A 250 1.76 12.87 -20.03
C ILE A 250 1.55 14.07 -20.94
N ASP A 251 2.43 14.27 -21.92
CA ASP A 251 2.30 15.37 -22.89
C ASP A 251 1.98 16.72 -22.21
N ASN A 252 2.77 17.06 -21.20
CA ASN A 252 2.69 18.36 -20.53
C ASN A 252 1.43 18.57 -19.70
N LYS A 253 0.75 17.48 -19.36
N LYS A 253 0.74 17.48 -19.38
CA LYS A 253 -0.45 17.55 -18.53
CA LYS A 253 -0.44 17.55 -18.52
C LYS A 253 -0.34 16.54 -17.40
C LYS A 253 -0.29 16.57 -17.38
N MET A 254 -0.88 16.89 -16.23
CA MET A 254 -0.84 15.98 -15.08
C MET A 254 -1.90 14.89 -15.24
N SER A 255 -1.71 14.06 -16.27
CA SER A 255 -2.71 13.10 -16.72
C SER A 255 -2.35 11.65 -16.41
N GLY A 256 -1.19 11.43 -15.83
CA GLY A 256 -0.73 10.08 -15.58
C GLY A 256 -1.17 9.58 -14.22
N PRO A 257 -0.75 8.36 -13.86
CA PRO A 257 -1.16 7.68 -12.62
C PRO A 257 -0.69 8.41 -11.38
N CYS A 258 -1.33 8.12 -10.24
CA CYS A 258 -0.98 8.73 -8.96
C CYS A 258 -0.67 7.66 -7.94
N LEU A 259 0.30 7.96 -7.07
CA LEU A 259 0.59 7.16 -5.89
C LEU A 259 0.28 7.94 -4.62
N ALA A 260 -0.40 7.30 -3.67
CA ALA A 260 -0.68 7.89 -2.37
C ALA A 260 -0.77 6.79 -1.33
N ALA A 261 -0.51 7.13 -0.07
CA ALA A 261 -0.59 6.15 1.02
C ALA A 261 -2.03 5.95 1.46
N ASP A 262 -2.39 4.73 1.86
CA ASP A 262 -3.65 4.57 2.60
C ASP A 262 -3.39 4.85 4.09
N ASP A 263 -4.41 4.71 4.94
CA ASP A 263 -4.25 5.10 6.36
C ASP A 263 -3.41 4.15 7.23
N SER A 264 -3.03 3.00 6.69
CA SER A 264 -2.35 2.01 7.53
C SER A 264 -0.89 2.30 7.80
N GLY A 265 -0.26 3.11 6.94
CA GLY A 265 1.18 3.31 7.02
C GLY A 265 2.03 2.25 6.33
N ASN A 266 1.37 1.20 5.85
CA ASN A 266 2.08 0.12 5.15
C ASN A 266 1.96 0.21 3.64
N ASN A 267 0.84 0.75 3.15
CA ASN A 267 0.49 0.65 1.73
C ASN A 267 0.66 1.93 0.92
N LEU A 268 1.28 1.79 -0.25
CA LEU A 268 1.21 2.81 -1.30
C LEU A 268 0.23 2.31 -2.35
N VAL A 269 -0.67 3.19 -2.78
CA VAL A 269 -1.77 2.83 -3.66
C VAL A 269 -1.69 3.56 -4.99
N LEU A 270 -1.75 2.79 -6.06
CA LEU A 270 -1.71 3.29 -7.42
C LEU A 270 -3.12 3.44 -7.97
N THR A 271 -3.46 4.61 -8.49
CA THR A 271 -4.76 4.85 -9.14
C THR A 271 -4.56 5.47 -10.50
N LYS A 272 -5.59 5.38 -11.35
CA LYS A 272 -5.48 5.83 -12.74
C LYS A 272 -5.33 7.35 -12.83
N GLY A 273 -4.75 7.81 -13.93
CA GLY A 273 -4.60 9.23 -14.16
C GLY A 273 -5.81 9.77 -14.90
N LYS A 274 -5.95 11.08 -14.90
CA LYS A 274 -7.10 11.72 -15.55
C LYS A 274 -7.12 11.48 -17.06
N GLY A 275 -5.98 11.05 -17.61
CA GLY A 275 -5.84 10.82 -19.03
C GLY A 275 -6.24 9.42 -19.50
N ALA A 276 -6.52 8.55 -18.54
CA ALA A 276 -6.86 7.17 -18.86
C ALA A 276 -8.26 7.08 -19.46
N LYS A 277 -8.36 6.46 -20.64
CA LYS A 277 -9.64 6.19 -21.27
C LYS A 277 -10.29 4.98 -20.63
N SER A 278 -9.46 4.13 -20.03
CA SER A 278 -9.91 2.98 -19.29
C SER A 278 -9.42 3.11 -17.84
N ASN A 279 -10.00 2.35 -16.92
CA ASN A 279 -9.57 2.39 -15.53
C ASN A 279 -8.83 1.11 -15.19
N GLU A 280 -7.56 1.05 -15.57
CA GLU A 280 -6.76 -0.18 -15.38
C GLU A 280 -5.34 0.20 -14.98
N PRO A 281 -5.15 0.64 -13.73
CA PRO A 281 -3.84 1.15 -13.32
C PRO A 281 -2.81 0.05 -13.36
N GLY A 282 -1.61 0.37 -13.79
CA GLY A 282 -0.58 -0.63 -13.90
C GLY A 282 0.79 -0.18 -13.48
N LEU A 283 1.52 -1.08 -12.85
N LEU A 283 1.51 -1.11 -12.87
CA LEU A 283 2.93 -0.89 -12.58
CA LEU A 283 2.92 -0.98 -12.55
C LEU A 283 3.71 -1.73 -13.57
C LEU A 283 3.70 -1.75 -13.60
N CYS A 284 4.66 -1.11 -14.26
CA CYS A 284 5.36 -1.76 -15.35
C CYS A 284 6.88 -1.76 -15.23
N TRP A 285 7.49 -2.69 -15.93
CA TRP A 285 8.94 -2.80 -16.08
C TRP A 285 9.31 -2.68 -17.55
N ASP A 286 10.39 -1.97 -17.85
CA ASP A 286 10.85 -1.89 -19.24
C ASP A 286 12.37 -1.98 -19.32
N LEU A 287 12.85 -2.91 -20.14
CA LEU A 287 14.27 -3.09 -20.41
C LEU A 287 14.76 -2.11 -21.47
N ASN A 288 13.82 -1.64 -22.28
CA ASN A 288 14.15 -0.79 -23.43
C ASN A 288 15.15 -1.47 -24.35
N THR A 289 14.94 -2.76 -24.62
CA THR A 289 15.83 -3.51 -25.49
C THR A 289 15.08 -4.14 -26.65
N GLY A 290 13.99 -3.50 -27.06
CA GLY A 290 13.31 -3.88 -28.27
C GLY A 290 12.04 -4.69 -28.14
N THR A 291 11.66 -5.07 -26.92
CA THR A 291 10.45 -5.85 -26.74
C THR A 291 9.51 -5.16 -25.76
N SER A 292 8.29 -5.65 -25.67
CA SER A 292 7.25 -5.01 -24.86
C SER A 292 7.67 -4.78 -23.41
N LYS A 293 7.22 -3.68 -22.83
CA LYS A 293 7.29 -3.56 -21.39
C LYS A 293 6.28 -4.55 -20.81
N LEU A 294 6.49 -4.94 -19.55
CA LEU A 294 5.57 -5.86 -18.88
C LEU A 294 4.86 -5.10 -17.77
N CYS A 295 3.56 -5.28 -17.65
CA CYS A 295 2.78 -4.54 -16.66
C CYS A 295 1.99 -5.46 -15.76
N LEU A 296 1.97 -5.14 -14.47
CA LEU A 296 1.01 -5.72 -13.53
C LEU A 296 -0.15 -4.77 -13.41
N THR A 297 -1.29 -5.17 -13.96
CA THR A 297 -2.41 -4.26 -14.15
C THR A 297 -3.66 -4.74 -13.43
N GLN A 298 -4.39 -3.82 -12.81
CA GLN A 298 -5.63 -4.19 -12.15
C GLN A 298 -6.79 -4.12 -13.12
N ILE A 299 -7.56 -5.19 -13.22
CA ILE A 299 -8.68 -5.24 -14.14
C ILE A 299 -9.95 -5.70 -13.43
N GLU A 300 -11.10 -5.43 -14.04
CA GLU A 300 -12.37 -5.81 -13.45
C GLU A 300 -12.59 -7.31 -13.59
N GLY A 301 -13.26 -7.89 -12.62
CA GLY A 301 -13.64 -9.30 -12.68
C GLY A 301 -14.89 -9.56 -11.87
N LYS A 302 -15.24 -10.83 -11.73
CA LYS A 302 -16.38 -11.24 -10.93
C LYS A 302 -15.98 -12.38 -10.01
N ASP A 303 -16.51 -12.38 -8.80
CA ASP A 303 -16.21 -13.47 -7.86
C ASP A 303 -17.13 -14.65 -8.12
N ASN A 304 -17.00 -15.69 -7.31
CA ASN A 304 -17.68 -16.96 -7.58
C ASN A 304 -19.20 -16.85 -7.44
N ASN A 305 -19.64 -15.75 -6.84
CA ASN A 305 -21.07 -15.46 -6.71
C ASN A 305 -21.53 -14.41 -7.71
N ASP A 306 -20.69 -14.17 -8.71
CA ASP A 306 -20.99 -13.24 -9.78
C ASP A 306 -21.06 -11.79 -9.27
N LYS A 307 -20.48 -11.54 -8.11
CA LYS A 307 -20.40 -10.18 -7.57
C LYS A 307 -19.15 -9.43 -8.08
N ASP A 308 -19.27 -8.11 -8.13
CA ASP A 308 -18.19 -7.26 -8.61
C ASP A 308 -16.90 -7.49 -7.83
N ALA A 309 -15.80 -7.55 -8.55
CA ALA A 309 -14.50 -7.76 -7.93
C ALA A 309 -13.40 -7.27 -8.88
N SER A 310 -12.16 -7.56 -8.55
CA SER A 310 -11.07 -7.23 -9.47
C SER A 310 -9.96 -8.24 -9.29
N LEU A 311 -8.97 -8.17 -10.19
CA LEU A 311 -7.80 -9.01 -10.10
C LEU A 311 -6.64 -8.28 -10.73
N ILE A 312 -5.46 -8.86 -10.57
CA ILE A 312 -4.24 -8.36 -11.20
C ILE A 312 -3.91 -9.22 -12.40
N LYS A 313 -3.45 -8.60 -13.47
CA LYS A 313 -3.05 -9.32 -14.69
C LYS A 313 -1.64 -8.91 -15.10
N LEU A 314 -0.75 -9.89 -15.26
CA LEU A 314 0.59 -9.63 -15.74
C LEU A 314 0.56 -9.76 -17.26
N LYS A 315 0.81 -8.66 -17.98
CA LYS A 315 0.60 -8.65 -19.42
C LYS A 315 1.62 -7.84 -20.20
N ASP A 316 1.74 -8.14 -21.49
CA ASP A 316 2.52 -7.31 -22.39
C ASP A 316 1.64 -6.22 -23.02
N ASP A 317 2.21 -5.40 -23.90
N ASP A 317 2.25 -5.45 -23.90
CA ASP A 317 1.44 -4.28 -24.45
CA ASP A 317 1.62 -4.35 -24.62
C ASP A 317 0.36 -4.74 -25.45
C ASP A 317 0.35 -4.79 -25.34
N ASN A 318 0.41 -5.99 -25.90
CA ASN A 318 -0.67 -6.54 -26.70
C ASN A 318 -1.80 -7.12 -25.86
N GLY A 319 -1.64 -7.07 -24.55
CA GLY A 319 -2.62 -7.63 -23.64
C GLY A 319 -2.52 -9.13 -23.44
N ASN A 320 -1.45 -9.73 -23.93
CA ASN A 320 -1.21 -11.16 -23.69
C ASN A 320 -0.60 -11.36 -22.31
N PRO A 321 -1.03 -12.41 -21.60
CA PRO A 321 -0.40 -12.73 -20.32
C PRO A 321 1.10 -12.92 -20.49
N ALA A 322 1.85 -12.45 -19.49
CA ALA A 322 3.30 -12.62 -19.50
C ALA A 322 3.69 -13.52 -18.34
N THR A 323 4.98 -13.76 -18.21
CA THR A 323 5.51 -14.77 -17.30
C THR A 323 6.15 -14.22 -16.06
N MET A 324 5.83 -14.85 -14.94
CA MET A 324 6.51 -14.60 -13.68
C MET A 324 7.19 -15.89 -13.20
N LEU A 325 8.48 -15.80 -12.92
CA LEU A 325 9.20 -16.90 -12.30
C LEU A 325 9.16 -16.70 -10.79
N ALA A 326 8.57 -17.66 -10.08
CA ALA A 326 8.36 -17.52 -8.65
C ALA A 326 7.90 -18.84 -8.05
N ASN A 327 8.06 -19.00 -6.74
CA ASN A 327 7.35 -20.04 -6.01
C ASN A 327 5.97 -19.53 -5.67
N ILE A 328 4.96 -20.34 -5.91
CA ILE A 328 3.58 -19.93 -5.60
C ILE A 328 3.04 -20.77 -4.49
N LEU A 329 2.38 -20.11 -3.55
CA LEU A 329 1.54 -20.80 -2.58
C LEU A 329 0.09 -20.46 -2.84
N VAL A 330 -0.78 -21.47 -2.81
CA VAL A 330 -2.22 -21.24 -2.92
C VAL A 330 -2.91 -21.66 -1.65
N GLU A 331 -3.79 -20.81 -1.13
CA GLU A 331 -4.53 -21.10 0.08
C GLU A 331 -5.99 -21.40 -0.22
N GLU A 332 -6.54 -22.43 0.42
CA GLU A 332 -7.98 -22.72 0.27
C GLU A 332 -8.48 -23.45 1.50
N LYS A 333 -9.79 -23.39 1.72
CA LYS A 333 -10.43 -24.20 2.75
C LYS A 333 -10.18 -25.67 2.45
N SER A 334 -9.90 -26.45 3.49
CA SER A 334 -9.88 -27.89 3.35
C SER A 334 -11.22 -28.40 2.80
N MET A 335 -11.17 -29.28 1.81
CA MET A 335 -12.40 -29.77 1.20
C MET A 335 -13.02 -30.91 2.02
N THR A 336 -12.31 -31.34 3.06
CA THR A 336 -12.94 -32.23 4.04
C THR A 336 -13.79 -31.41 5.01
N ASP A 337 -14.28 -32.05 6.05
CA ASP A 337 -15.14 -31.37 7.02
C ASP A 337 -14.40 -30.21 7.70
N SER A 338 -13.07 -30.21 7.57
CA SER A 338 -12.26 -29.14 8.10
C SER A 338 -12.68 -27.81 7.50
N THR A 339 -12.69 -26.77 8.32
CA THR A 339 -12.86 -25.42 7.81
C THR A 339 -11.50 -24.73 7.92
N LYS A 340 -10.50 -25.51 8.35
CA LYS A 340 -9.13 -25.05 8.38
C LYS A 340 -8.71 -24.64 6.97
N LYS A 341 -7.74 -23.73 6.88
CA LYS A 341 -7.19 -23.37 5.59
C LYS A 341 -5.95 -24.20 5.35
N GLU A 342 -5.66 -24.49 4.08
CA GLU A 342 -4.49 -25.29 3.73
C GLU A 342 -3.70 -24.57 2.65
N LEU A 343 -2.40 -24.83 2.60
CA LEU A 343 -1.55 -24.25 1.57
C LEU A 343 -0.98 -25.34 0.66
N ARG A 344 -0.85 -25.03 -0.63
CA ARG A 344 -0.19 -25.96 -1.56
C ARG A 344 0.65 -25.22 -2.57
N THR A 345 1.59 -25.94 -3.19
CA THR A 345 2.42 -25.36 -4.24
C THR A 345 2.03 -25.94 -5.58
N ILE A 346 2.65 -25.43 -6.64
CA ILE A 346 2.42 -25.95 -7.99
C ILE A 346 3.13 -27.29 -8.15
N PRO A 347 2.40 -28.31 -8.61
CA PRO A 347 3.02 -29.65 -8.69
C PRO A 347 3.96 -29.79 -9.88
N ASN A 348 4.81 -30.83 -9.82
CA ASN A 348 5.54 -31.31 -10.98
C ASN A 348 5.02 -32.70 -11.32
N THR A 349 5.19 -33.11 -12.57
CA THR A 349 4.75 -34.43 -13.01
C THR A 349 5.93 -35.11 -13.65
N ILE A 350 6.12 -36.38 -13.32
CA ILE A 350 7.21 -37.18 -13.87
C ILE A 350 6.66 -38.51 -14.35
N TYR A 351 7.00 -38.91 -15.57
CA TYR A 351 6.63 -40.24 -16.05
C TYR A 351 7.77 -41.22 -15.75
N ALA A 352 7.46 -42.38 -15.18
CA ALA A 352 8.51 -43.37 -14.92
C ALA A 352 7.93 -44.75 -14.85
N ALA A 353 8.69 -45.72 -15.35
CA ALA A 353 8.37 -47.11 -15.17
C ALA A 353 9.28 -47.67 -14.08
N PHE A 354 8.81 -48.71 -13.40
CA PHE A 354 9.71 -49.49 -12.54
C PHE A 354 10.69 -50.23 -13.46
N SER A 355 11.76 -50.79 -12.91
CA SER A 355 12.84 -51.20 -13.81
C SER A 355 13.32 -52.64 -13.68
N ASN A 356 12.56 -53.52 -13.03
CA ASN A 356 12.91 -54.95 -13.06
C ASN A 356 12.52 -55.57 -14.40
N SER A 357 13.46 -56.31 -15.00
CA SER A 357 13.30 -56.79 -16.37
C SER A 357 13.37 -58.32 -16.53
N ASN A 358 14.27 -58.95 -15.78
CA ASN A 358 14.42 -60.40 -15.90
C ASN A 358 13.74 -61.12 -14.75
N ALA A 359 13.44 -62.40 -14.98
CA ALA A 359 12.65 -63.21 -14.05
C ALA A 359 13.20 -63.22 -12.63
N SER A 360 14.51 -63.27 -12.48
CA SER A 360 15.10 -63.40 -11.15
C SER A 360 14.82 -62.18 -10.30
N ASP A 361 14.83 -61.01 -10.93
CA ASP A 361 14.52 -59.77 -10.22
C ASP A 361 13.02 -59.60 -10.05
N LEU A 362 12.28 -59.93 -11.10
CA LEU A 362 10.82 -59.69 -11.17
C LEU A 362 9.99 -60.57 -10.25
N VAL A 363 10.29 -61.87 -10.21
CA VAL A 363 9.39 -62.78 -9.54
C VAL A 363 9.70 -62.89 -8.07
N ILE A 364 8.69 -62.62 -7.24
CA ILE A 364 8.80 -62.86 -5.81
C ILE A 364 8.43 -64.31 -5.56
N THR A 365 9.42 -65.15 -5.29
CA THR A 365 9.19 -66.60 -5.31
C THR A 365 8.36 -67.15 -4.14
N ASN A 366 8.42 -66.49 -2.97
CA ASN A 366 7.58 -66.90 -1.85
C ASN A 366 6.85 -65.69 -1.29
N PRO A 367 5.88 -65.18 -2.07
CA PRO A 367 5.23 -63.90 -1.80
C PRO A 367 4.50 -63.89 -0.46
N GLY A 368 4.07 -65.06 -0.01
CA GLY A 368 3.40 -65.17 1.28
C GLY A 368 4.31 -64.81 2.44
N ASN A 369 5.58 -65.18 2.33
CA ASN A 369 6.57 -64.91 3.38
C ASN A 369 7.38 -63.63 3.15
N TYR A 370 7.38 -63.13 1.91
CA TYR A 370 8.25 -62.01 1.54
C TYR A 370 7.87 -60.73 2.27
N ILE A 371 8.87 -60.09 2.86
CA ILE A 371 8.69 -58.78 3.50
C ILE A 371 9.38 -57.72 2.66
N GLY A 372 8.71 -56.60 2.41
CA GLY A 372 9.27 -55.55 1.59
C GLY A 372 10.41 -54.78 2.23
N ASN A 373 11.48 -54.58 1.47
CA ASN A 373 12.58 -53.72 1.90
C ASN A 373 12.66 -52.57 0.88
N VAL A 374 11.78 -51.59 1.05
CA VAL A 374 11.57 -50.61 -0.01
C VAL A 374 12.78 -49.70 -0.23
N THR A 375 13.65 -49.56 0.77
CA THR A 375 14.80 -48.66 0.63
C THR A 375 15.87 -49.27 -0.25
N SER A 376 15.75 -50.56 -0.55
CA SER A 376 16.84 -51.30 -1.18
C SER A 376 16.42 -52.22 -2.31
N GLU A 377 15.11 -52.37 -2.52
CA GLU A 377 14.62 -53.30 -3.53
C GLU A 377 15.04 -52.92 -4.94
N LYS A 378 15.44 -53.93 -5.70
CA LYS A 378 15.77 -53.74 -7.11
C LYS A 378 14.55 -53.25 -7.87
N GLY A 379 14.78 -52.31 -8.78
CA GLY A 379 13.75 -51.85 -9.70
C GLY A 379 12.89 -50.73 -9.14
N ARG A 380 13.15 -50.34 -7.89
CA ARG A 380 12.37 -49.30 -7.28
C ARG A 380 12.57 -47.97 -8.00
N ILE A 381 11.62 -47.07 -7.83
CA ILE A 381 11.81 -45.70 -8.28
C ILE A 381 12.23 -44.87 -7.08
N GLU A 382 13.39 -44.23 -7.17
CA GLU A 382 13.86 -43.45 -6.04
C GLU A 382 14.13 -42.02 -6.47
N LEU A 383 13.72 -41.07 -5.65
CA LEU A 383 13.86 -39.64 -5.97
C LEU A 383 14.31 -38.90 -4.73
N ASN A 384 15.03 -37.80 -4.92
CA ASN A 384 15.36 -36.92 -3.81
C ASN A 384 14.14 -36.17 -3.33
N VAL A 385 13.97 -36.06 -2.02
CA VAL A 385 12.85 -35.32 -1.46
C VAL A 385 13.07 -33.83 -1.73
N GLN A 386 12.02 -33.15 -2.18
CA GLN A 386 12.15 -31.75 -2.56
C GLN A 386 12.21 -30.85 -1.35
N ASP A 387 12.78 -29.67 -1.52
CA ASP A 387 12.73 -28.64 -0.48
C ASP A 387 11.50 -27.81 -0.69
N CYS A 388 10.75 -27.55 0.37
CA CYS A 388 9.55 -26.75 0.23
C CYS A 388 9.90 -25.27 0.32
N PRO A 389 9.09 -24.41 -0.31
CA PRO A 389 9.37 -22.97 -0.29
C PRO A 389 8.98 -22.32 1.03
N VAL A 390 9.27 -21.02 1.16
CA VAL A 390 8.91 -20.27 2.36
C VAL A 390 7.40 -20.24 2.52
N SER A 391 6.96 -20.34 3.78
N SER A 391 6.94 -20.37 3.76
CA SER A 391 5.54 -20.32 4.11
CA SER A 391 5.51 -20.27 4.05
C SER A 391 5.29 -19.28 5.20
C SER A 391 5.28 -19.27 5.17
N PRO A 392 4.08 -18.70 5.22
CA PRO A 392 3.78 -17.69 6.24
C PRO A 392 3.64 -18.27 7.63
N ASP A 393 3.81 -17.42 8.63
CA ASP A 393 3.46 -17.76 10.01
C ASP A 393 4.29 -19.01 10.42
N GLY A 394 3.74 -20.10 10.97
CA GLY A 394 2.34 -20.42 11.11
C GLY A 394 1.97 -21.72 10.40
N ASN A 395 2.57 -21.96 9.24
CA ASN A 395 2.09 -23.04 8.35
C ASN A 395 3.17 -23.94 7.75
N LYS A 396 3.51 -25.00 8.46
CA LYS A 396 4.56 -25.92 8.03
C LYS A 396 4.17 -26.67 6.75
N LEU A 397 4.99 -26.53 5.71
CA LEU A 397 4.79 -27.29 4.47
C LEU A 397 5.48 -28.63 4.51
N HIS A 398 4.80 -29.66 3.99
CA HIS A 398 5.38 -30.99 3.85
C HIS A 398 5.58 -31.34 2.38
N PRO A 399 6.73 -31.96 2.06
CA PRO A 399 6.86 -32.54 0.71
C PRO A 399 5.84 -33.65 0.51
N ARG A 400 5.28 -33.73 -0.71
CA ARG A 400 4.24 -34.68 -1.01
C ARG A 400 4.59 -35.41 -2.29
N LEU A 401 4.14 -36.64 -2.42
CA LEU A 401 4.31 -37.38 -3.66
C LEU A 401 3.17 -38.37 -3.82
N SER A 402 2.61 -38.44 -5.01
CA SER A 402 1.62 -39.46 -5.35
C SER A 402 2.01 -40.12 -6.66
N ALA A 403 1.43 -41.30 -6.91
CA ALA A 403 1.70 -42.03 -8.15
C ALA A 403 0.37 -42.56 -8.70
N SER A 404 0.08 -42.29 -9.98
CA SER A 404 -1.12 -42.80 -10.63
C SER A 404 -0.70 -43.73 -11.76
N ILE A 405 -1.50 -44.78 -12.02
CA ILE A 405 -1.12 -45.74 -13.03
C ILE A 405 -1.20 -45.17 -14.44
N ALA A 406 -0.14 -45.35 -15.23
CA ALA A 406 -0.10 -44.82 -16.59
C ALA A 406 -0.20 -45.92 -17.65
N SER A 407 0.39 -47.08 -17.37
CA SER A 407 0.23 -48.28 -18.21
C SER A 407 0.47 -49.51 -17.35
N ILE A 408 -0.21 -50.61 -17.63
CA ILE A 408 -0.06 -51.81 -16.82
C ILE A 408 -0.53 -53.02 -17.60
N VAL A 409 0.34 -54.02 -17.77
CA VAL A 409 -0.09 -55.26 -18.41
C VAL A 409 0.42 -56.48 -17.63
N ALA A 410 -0.36 -57.55 -17.71
CA ALA A 410 -0.04 -58.81 -17.04
C ALA A 410 0.92 -59.63 -17.90
N ASP A 411 2.14 -59.14 -18.03
CA ASP A 411 3.12 -59.84 -18.86
C ASP A 411 3.50 -61.18 -18.25
N THR A 412 3.87 -62.14 -19.10
CA THR A 412 4.35 -63.44 -18.63
C THR A 412 5.56 -63.85 -19.46
N LYS A 413 6.28 -64.89 -19.03
CA LYS A 413 7.48 -65.33 -19.73
C LYS A 413 7.16 -65.76 -21.16
N ASP A 414 8.02 -65.40 -22.11
CA ASP A 414 7.85 -65.88 -23.47
C ASP A 414 8.62 -67.19 -23.65
N SER A 415 8.69 -67.68 -24.88
CA SER A 415 9.38 -68.93 -25.18
C SER A 415 10.79 -68.96 -24.63
N ASN A 416 11.47 -67.82 -24.68
CA ASN A 416 12.84 -67.72 -24.20
C ASN A 416 12.92 -67.34 -22.73
N GLY A 417 11.77 -67.37 -22.05
CA GLY A 417 11.72 -67.08 -20.62
C GLY A 417 11.97 -65.61 -20.32
N LYS A 418 11.66 -64.75 -21.27
CA LYS A 418 11.88 -63.32 -21.12
C LYS A 418 10.56 -62.55 -21.04
N TYR A 419 10.61 -61.36 -20.44
CA TYR A 419 9.44 -60.48 -20.39
C TYR A 419 9.63 -59.36 -21.39
N GLN A 420 8.77 -59.30 -22.39
CA GLN A 420 8.95 -58.36 -23.50
C GLN A 420 8.27 -57.00 -23.28
N ALA A 421 7.20 -56.97 -22.50
CA ALA A 421 6.50 -55.70 -22.25
C ALA A 421 7.41 -54.73 -21.50
N ASP A 422 7.42 -53.47 -21.92
CA ASP A 422 8.35 -52.48 -21.39
C ASP A 422 7.76 -51.08 -21.53
N PHE A 423 7.49 -50.42 -20.42
CA PHE A 423 6.86 -49.10 -20.47
C PHE A 423 7.83 -47.99 -20.07
N SER A 424 9.12 -48.25 -20.21
CA SER A 424 10.11 -47.28 -19.76
C SER A 424 10.06 -45.98 -20.58
N SER A 425 9.56 -46.05 -21.82
CA SER A 425 9.42 -44.86 -22.67
C SER A 425 7.99 -44.69 -23.14
N LEU A 426 7.36 -43.61 -22.69
CA LEU A 426 5.95 -43.37 -22.97
C LEU A 426 5.63 -43.37 -24.48
N ALA A 427 6.58 -42.91 -25.30
CA ALA A 427 6.33 -42.82 -26.73
C ALA A 427 6.38 -44.19 -27.42
N GLY A 428 6.87 -45.21 -26.71
CA GLY A 428 6.95 -46.54 -27.29
C GLY A 428 6.27 -47.65 -26.51
N ASN A 429 5.27 -47.31 -25.70
CA ASN A 429 4.63 -48.31 -24.83
C ASN A 429 3.95 -49.46 -25.58
N ARG A 430 3.45 -49.20 -26.78
CA ARG A 430 2.74 -50.24 -27.53
C ARG A 430 3.68 -51.11 -28.37
N ASN A 431 4.96 -50.79 -28.34
CA ASN A 431 5.89 -51.38 -29.30
C ASN A 431 6.15 -52.87 -29.10
N SER A 432 6.16 -53.30 -27.83
CA SER A 432 6.21 -54.74 -27.53
C SER A 432 4.92 -55.16 -26.85
N GLY A 433 4.11 -55.96 -27.54
CA GLY A 433 2.81 -56.38 -27.04
C GLY A 433 2.86 -57.24 -25.79
N GLY A 434 3.84 -58.14 -25.72
CA GLY A 434 3.97 -59.06 -24.60
C GLY A 434 3.06 -60.27 -24.73
N GLN A 435 3.27 -61.26 -23.86
CA GLN A 435 2.40 -62.43 -23.79
C GLN A 435 1.57 -62.31 -22.52
N LEU A 436 0.30 -61.94 -22.66
CA LEU A 436 -0.44 -61.46 -21.49
C LEU A 436 -1.25 -62.54 -20.76
N GLY A 437 -1.18 -62.53 -19.44
CA GLY A 437 -2.03 -63.36 -18.62
C GLY A 437 -3.20 -62.55 -18.10
N TYR A 438 -3.76 -62.94 -16.96
CA TYR A 438 -4.86 -62.18 -16.35
C TYR A 438 -4.32 -61.32 -15.24
N LEU A 439 -4.73 -60.06 -15.21
CA LEU A 439 -4.27 -59.14 -14.19
C LEU A 439 -5.04 -59.32 -12.87
N SER A 440 -4.31 -59.41 -11.76
CA SER A 440 -4.96 -59.37 -10.45
C SER A 440 -4.95 -57.94 -9.91
N GLY A 441 -4.04 -57.12 -10.45
CA GLY A 441 -3.93 -55.73 -10.05
C GLY A 441 -2.55 -55.37 -9.55
N THR A 442 -2.46 -54.23 -8.88
CA THR A 442 -1.18 -53.77 -8.37
C THR A 442 -1.35 -52.96 -7.10
N ALA A 443 -0.42 -53.13 -6.18
CA ALA A 443 -0.32 -52.32 -4.99
C ALA A 443 0.90 -51.44 -5.12
N ILE A 444 0.69 -50.12 -5.12
CA ILE A 444 1.79 -49.19 -5.27
C ILE A 444 1.97 -48.43 -3.97
N GLN A 445 3.17 -48.50 -3.43
CA GLN A 445 3.48 -47.92 -2.13
C GLN A 445 4.50 -46.79 -2.29
N VAL A 446 4.31 -45.75 -1.49
CA VAL A 446 5.24 -44.64 -1.46
C VAL A 446 5.71 -44.46 -0.04
N ASN A 447 7.02 -44.42 0.14
CA ASN A 447 7.65 -44.20 1.42
C ASN A 447 8.71 -43.11 1.31
N GLN A 448 9.15 -42.59 2.45
CA GLN A 448 10.13 -41.52 2.47
C GLN A 448 11.08 -41.64 3.66
N SER A 449 12.33 -41.28 3.43
CA SER A 449 13.25 -40.96 4.53
C SER A 449 13.29 -39.44 4.62
N GLY A 450 14.22 -38.91 5.41
CA GLY A 450 14.41 -37.48 5.45
C GLY A 450 14.83 -36.92 4.10
N SER A 451 15.51 -37.74 3.30
CA SER A 451 16.09 -37.24 2.04
C SER A 451 15.63 -37.93 0.75
N LYS A 452 15.02 -39.12 0.85
CA LYS A 452 14.64 -39.85 -0.36
C LYS A 452 13.15 -40.24 -0.38
N TRP A 453 12.58 -40.27 -1.58
CA TRP A 453 11.29 -40.93 -1.83
C TRP A 453 11.54 -42.32 -2.38
N TYR A 454 10.81 -43.31 -1.88
CA TYR A 454 10.87 -44.65 -2.44
C TYR A 454 9.54 -45.08 -2.98
N ILE A 455 9.47 -45.42 -4.26
CA ILE A 455 8.24 -45.88 -4.85
C ILE A 455 8.44 -47.31 -5.31
N THR A 456 7.58 -48.20 -4.81
CA THR A 456 7.68 -49.62 -5.15
C THR A 456 6.30 -50.16 -5.44
N ALA A 457 6.26 -51.36 -6.01
CA ALA A 457 5.00 -51.94 -6.44
C ALA A 457 5.05 -53.45 -6.52
N THR A 458 3.97 -54.10 -6.15
CA THR A 458 3.80 -55.52 -6.50
C THR A 458 2.65 -55.64 -7.47
N MET A 459 2.73 -56.62 -8.36
CA MET A 459 1.66 -56.93 -9.30
C MET A 459 1.32 -58.41 -9.23
N GLY A 460 0.05 -58.74 -9.18
CA GLY A 460 -0.41 -60.11 -9.25
C GLY A 460 -0.84 -60.46 -10.66
N VAL A 461 -0.33 -61.58 -11.17
CA VAL A 461 -0.64 -62.04 -12.53
C VAL A 461 -0.89 -63.55 -12.54
N PHE A 462 -1.95 -63.97 -13.23
CA PHE A 462 -2.17 -65.39 -13.47
C PHE A 462 -1.79 -65.75 -14.89
N ASP A 463 -0.93 -66.75 -15.04
CA ASP A 463 -0.52 -67.22 -16.36
C ASP A 463 -1.40 -68.41 -16.75
N PRO A 464 -2.34 -68.18 -17.69
CA PRO A 464 -3.29 -69.24 -18.09
C PRO A 464 -2.63 -70.36 -18.88
N LEU A 465 -1.54 -70.06 -19.56
CA LEU A 465 -0.79 -71.05 -20.35
C LEU A 465 -0.20 -72.15 -19.47
N THR A 466 0.29 -71.77 -18.30
CA THR A 466 0.93 -72.74 -17.40
C THR A 466 0.15 -72.91 -16.10
N ASN A 467 -0.99 -72.22 -16.00
CA ASN A 467 -1.81 -72.26 -14.81
C ASN A 467 -1.02 -71.90 -13.55
N THR A 468 -0.22 -70.84 -13.64
CA THR A 468 0.68 -70.46 -12.56
C THR A 468 0.38 -69.05 -12.08
N THR A 469 0.36 -68.86 -10.76
CA THR A 469 0.10 -67.55 -10.19
C THR A 469 1.41 -66.88 -9.78
N TYR A 470 1.56 -65.63 -10.22
CA TYR A 470 2.79 -64.89 -10.02
C TYR A 470 2.57 -63.61 -9.23
N VAL A 471 3.57 -63.23 -8.46
CA VAL A 471 3.62 -61.89 -7.87
C VAL A 471 4.90 -61.25 -8.36
N TYR A 472 4.78 -60.09 -9.01
CA TYR A 472 5.95 -59.40 -9.56
C TYR A 472 6.34 -58.21 -8.69
N LEU A 473 7.64 -57.95 -8.59
CA LEU A 473 8.17 -56.79 -7.88
C LEU A 473 8.70 -55.72 -8.83
N ASN A 474 8.24 -54.49 -8.67
CA ASN A 474 8.75 -53.35 -9.44
C ASN A 474 9.01 -53.62 -10.92
N PRO A 475 7.97 -54.03 -11.65
CA PRO A 475 8.12 -54.48 -13.04
C PRO A 475 8.19 -53.36 -14.10
N LYS A 476 8.99 -53.57 -15.13
CA LYS A 476 9.12 -52.60 -16.22
C LYS A 476 7.83 -52.47 -17.03
N PHE A 477 6.91 -53.39 -16.82
CA PHE A 477 5.62 -53.31 -17.51
C PHE A 477 4.52 -52.74 -16.61
N LEU A 478 4.96 -51.90 -15.67
CA LEU A 478 4.07 -51.05 -14.88
C LEU A 478 4.71 -49.67 -14.88
N SER A 479 3.96 -48.66 -15.31
CA SER A 479 4.50 -47.32 -15.29
C SER A 479 3.53 -46.38 -14.59
N VAL A 480 4.05 -45.27 -14.09
CA VAL A 480 3.23 -44.35 -13.32
C VAL A 480 3.52 -42.92 -13.70
N ASN A 481 2.52 -42.05 -13.52
CA ASN A 481 2.74 -40.62 -13.48
C ASN A 481 2.85 -40.20 -12.03
N ILE A 482 4.00 -39.62 -11.68
CA ILE A 482 4.34 -39.23 -10.33
C ILE A 482 4.09 -37.75 -10.21
N THR A 483 3.31 -37.36 -9.20
CA THR A 483 3.04 -35.95 -8.91
C THR A 483 3.75 -35.57 -7.63
N THR A 484 4.49 -34.46 -7.66
CA THR A 484 5.19 -33.99 -6.48
C THR A 484 4.81 -32.55 -6.19
N TRP A 485 4.64 -32.21 -4.92
CA TRP A 485 4.26 -30.85 -4.55
C TRP A 485 4.52 -30.68 -3.06
N CYS A 486 4.29 -29.49 -2.52
CA CYS A 486 4.39 -29.31 -1.07
C CYS A 486 3.05 -28.84 -0.55
N SER A 487 2.72 -29.19 0.69
CA SER A 487 1.40 -28.91 1.22
C SER A 487 1.39 -28.89 2.75
N THR A 488 0.45 -28.14 3.33
CA THR A 488 0.21 -28.23 4.76
C THR A 488 -0.53 -29.54 5.09
N GLU A 489 -1.13 -30.15 4.08
CA GLU A 489 -1.74 -31.48 4.23
C GLU A 489 -0.62 -32.51 4.24
N PRO A 490 -0.53 -33.31 5.30
CA PRO A 490 0.61 -34.23 5.38
C PRO A 490 0.50 -35.44 4.44
N GLN A 491 1.65 -36.04 4.19
CA GLN A 491 1.76 -37.28 3.43
C GLN A 491 1.32 -38.44 4.32
N THR A 492 0.67 -39.45 3.74
CA THR A 492 0.25 -40.67 4.47
C THR A 492 1.06 -41.01 5.73
#